data_8TCE
#
_entry.id   8TCE
#
_cell.length_a   37.602
_cell.length_b   57.574
_cell.length_c   38.305
_cell.angle_alpha   90.00
_cell.angle_beta   94.70
_cell.angle_gamma   90.00
#
_symmetry.space_group_name_H-M   'P 1 21 1'
#
loop_
_entity.id
_entity.type
_entity.pdbx_description
1 polymer Apolipoprotein(a)
2 non-polymer '(2S)-3-phenyl-2-[(3R)-pyrrolidin-3-yl]propanoic acid'
3 water water
#
_entity_poly.entity_id   1
_entity_poly.type   'polypeptide(L)'
_entity_poly.pdbx_seq_one_letter_code
;APTENSTGVQDCYRGDGQSYRGTLSTTITGRTCQSWSSMTPHWHRRIPLYYPNAGLTRNYCRNPDAEIRPWCYTMDPSVR
WEYCNLTRCPVTES
;
_entity_poly.pdbx_strand_id   A,B
#
# COMPACT_ATOMS: atom_id res chain seq x y z
N THR A 7 5.53 -12.35 -12.95
CA THR A 7 5.85 -12.17 -11.50
C THR A 7 4.62 -11.71 -10.69
N GLY A 8 4.63 -12.07 -9.42
CA GLY A 8 3.57 -11.72 -8.52
C GLY A 8 3.93 -10.55 -7.63
N VAL A 9 3.07 -10.31 -6.68
CA VAL A 9 3.27 -9.25 -5.73
C VAL A 9 4.31 -9.59 -4.68
N GLN A 10 4.85 -8.56 -4.03
CA GLN A 10 5.77 -8.74 -2.92
C GLN A 10 5.09 -9.16 -1.63
N ASP A 11 3.89 -8.63 -1.40
CA ASP A 11 3.21 -8.84 -0.15
C ASP A 11 1.78 -9.21 -0.47
N CYS A 12 1.27 -10.24 0.21
CA CYS A 12 -0.04 -10.82 -0.11
C CYS A 12 -0.40 -11.78 1.01
N TYR A 13 -1.67 -12.20 1.02
CA TYR A 13 -2.12 -13.16 2.03
C TYR A 13 -2.53 -14.48 1.39
N ARG A 14 -2.44 -15.53 2.20
CA ARG A 14 -2.83 -16.88 1.82
C ARG A 14 -4.04 -17.33 2.61
N GLY A 15 -4.91 -18.12 1.99
CA GLY A 15 -6.15 -18.57 2.62
C GLY A 15 -6.96 -17.33 2.99
N ASP A 16 -7.55 -17.35 4.17
CA ASP A 16 -8.32 -16.20 4.65
C ASP A 16 -7.39 -15.13 5.28
N GLY A 17 -6.08 -15.36 5.21
CA GLY A 17 -5.14 -14.39 5.74
C GLY A 17 -4.95 -14.39 7.24
N GLN A 18 -5.48 -15.38 7.96
CA GLN A 18 -5.16 -15.52 9.39
C GLN A 18 -3.66 -15.69 9.59
N SER A 19 -2.98 -16.25 8.58
CA SER A 19 -1.53 -16.47 8.66
C SER A 19 -0.71 -15.25 8.28
N TYR A 20 -1.35 -14.19 7.78
CA TYR A 20 -0.59 -13.03 7.30
C TYR A 20 0.16 -12.32 8.43
N ARG A 21 1.47 -12.13 8.24
CA ARG A 21 2.30 -11.43 9.21
C ARG A 21 3.17 -10.34 8.58
N GLY A 22 2.70 -9.79 7.44
CA GLY A 22 3.36 -8.67 6.80
C GLY A 22 3.08 -7.33 7.47
N THR A 23 3.57 -6.27 6.84
CA THR A 23 3.54 -4.94 7.46
C THR A 23 2.60 -3.97 6.74
N LEU A 24 1.70 -4.46 5.88
CA LEU A 24 0.73 -3.56 5.26
C LEU A 24 -0.11 -2.92 6.38
N SER A 25 -0.37 -1.62 6.25
CA SER A 25 -1.11 -0.89 7.28
C SER A 25 -2.05 0.16 6.70
N THR A 26 -2.51 -0.06 5.47
CA THR A 26 -3.52 0.77 4.86
C THR A 26 -4.71 -0.03 4.39
N THR A 27 -5.87 0.62 4.42
CA THR A 27 -7.12 -0.06 4.09
C THR A 27 -7.39 0.01 2.59
N ILE A 28 -8.46 -0.67 2.16
CA ILE A 28 -8.87 -0.67 0.75
C ILE A 28 -9.18 0.74 0.22
N THR A 29 -9.52 1.68 1.10
CA THR A 29 -9.77 3.06 0.67
C THR A 29 -8.58 3.98 0.97
N GLY A 30 -7.47 3.42 1.41
CA GLY A 30 -6.28 4.20 1.60
C GLY A 30 -6.16 4.78 3.01
N ARG A 31 -7.12 4.48 3.89
CA ARG A 31 -7.03 4.97 5.27
C ARG A 31 -5.91 4.25 6.01
N THR A 32 -5.40 4.90 7.06
CA THR A 32 -4.34 4.31 7.88
C THR A 32 -4.99 3.41 8.93
N CYS A 33 -4.43 2.22 9.09
CA CYS A 33 -4.89 1.35 10.17
C CYS A 33 -4.57 1.95 11.54
N GLN A 34 -5.49 1.79 12.46
CA GLN A 34 -5.30 2.08 13.87
C GLN A 34 -4.45 0.98 14.49
N SER A 35 -3.55 1.36 15.39
N SER A 35 -3.55 1.37 15.39
CA SER A 35 -2.79 0.38 16.18
CA SER A 35 -2.79 0.42 16.21
C SER A 35 -3.72 -0.49 17.01
C SER A 35 -3.72 -0.49 17.02
N TRP A 36 -3.49 -1.81 16.98
CA TRP A 36 -4.33 -2.76 17.74
C TRP A 36 -4.36 -2.47 19.23
N SER A 37 -3.23 -2.01 19.78
CA SER A 37 -3.10 -1.69 21.20
CA SER A 37 -3.16 -1.72 21.21
C SER A 37 -3.74 -0.37 21.61
N SER A 38 -4.09 0.44 20.63
N SER A 38 -4.07 0.47 20.63
CA SER A 38 -4.75 1.70 20.89
CA SER A 38 -4.75 1.73 20.84
C SER A 38 -6.26 1.51 20.91
C SER A 38 -6.25 1.51 20.91
N MET A 39 -6.92 2.29 21.76
CA MET A 39 -8.36 2.25 21.91
C MET A 39 -8.99 3.52 21.32
N THR A 40 -8.24 4.25 20.50
CA THR A 40 -8.71 5.49 19.90
C THR A 40 -8.20 5.58 18.45
N PRO A 41 -9.03 5.99 17.49
CA PRO A 41 -10.41 6.47 17.67
C PRO A 41 -11.44 5.42 17.99
N HIS A 42 -11.10 4.13 17.84
CA HIS A 42 -12.09 3.06 18.06
C HIS A 42 -11.70 2.17 19.22
N TRP A 43 -12.62 2.04 20.19
CA TRP A 43 -12.46 1.13 21.31
C TRP A 43 -12.86 -0.25 20.81
N HIS A 44 -12.07 -1.28 21.10
CA HIS A 44 -12.35 -2.61 20.58
C HIS A 44 -11.75 -3.68 21.47
N ARG A 45 -12.06 -4.93 21.15
CA ARG A 45 -11.52 -6.08 21.89
C ARG A 45 -10.71 -7.04 21.03
N ARG A 46 -10.28 -6.59 19.85
CA ARG A 46 -9.35 -7.38 19.03
C ARG A 46 -7.95 -7.02 19.48
N ILE A 47 -7.63 -7.57 20.65
CA ILE A 47 -6.37 -7.32 21.34
C ILE A 47 -5.78 -8.69 21.70
N PRO A 48 -4.46 -8.75 21.96
CA PRO A 48 -3.85 -10.03 22.30
C PRO A 48 -4.49 -10.74 23.51
N LEU A 49 -5.09 -10.01 24.43
CA LEU A 49 -5.81 -10.63 25.56
C LEU A 49 -6.83 -11.65 25.07
N TYR A 50 -7.55 -11.30 24.00
CA TYR A 50 -8.56 -12.17 23.41
C TYR A 50 -8.04 -13.01 22.25
N TYR A 51 -6.99 -12.54 21.56
CA TYR A 51 -6.49 -13.20 20.34
C TYR A 51 -4.98 -13.34 20.43
N PRO A 52 -4.48 -14.20 21.35
CA PRO A 52 -3.05 -14.23 21.69
C PRO A 52 -2.16 -14.76 20.56
N ASN A 53 -2.75 -15.46 19.60
CA ASN A 53 -1.97 -16.12 18.54
C ASN A 53 -1.85 -15.27 17.27
N ALA A 54 -2.62 -14.17 17.24
CA ALA A 54 -2.96 -13.51 15.98
C ALA A 54 -1.98 -12.48 15.45
N GLY A 55 -0.88 -12.24 16.16
CA GLY A 55 0.09 -11.26 15.69
C GLY A 55 -0.41 -9.83 15.66
N LEU A 56 -1.20 -9.44 16.66
CA LEU A 56 -1.80 -8.09 16.67
C LEU A 56 -0.74 -7.15 17.20
N THR A 57 0.08 -6.66 16.29
CA THR A 57 1.22 -5.81 16.62
CA THR A 57 1.17 -5.78 16.65
C THR A 57 1.17 -4.55 15.76
N ARG A 58 1.68 -3.45 16.31
CA ARG A 58 1.66 -2.14 15.63
C ARG A 58 0.25 -1.90 15.06
N ASN A 59 0.15 -1.42 13.83
CA ASN A 59 -1.12 -1.24 13.13
C ASN A 59 -1.18 -2.07 11.85
N TYR A 60 -0.60 -3.26 11.91
CA TYR A 60 -0.50 -4.08 10.71
C TYR A 60 -1.84 -4.79 10.43
N CYS A 61 -2.20 -4.92 9.17
CA CYS A 61 -3.41 -5.65 8.78
C CYS A 61 -3.31 -7.09 9.27
N ARG A 62 -4.39 -7.59 9.90
CA ARG A 62 -4.38 -8.93 10.47
C ARG A 62 -5.78 -9.52 10.30
N ASN A 63 -5.98 -10.71 10.85
CA ASN A 63 -7.31 -11.33 10.74
C ASN A 63 -7.53 -12.18 11.98
N PRO A 64 -7.67 -11.54 13.16
CA PRO A 64 -7.74 -12.32 14.41
C PRO A 64 -9.00 -13.16 14.56
N ASP A 65 -10.09 -12.71 13.93
CA ASP A 65 -11.42 -13.24 14.16
C ASP A 65 -12.03 -13.91 12.94
N ALA A 66 -11.18 -14.33 11.99
CA ALA A 66 -11.59 -15.16 10.85
C ALA A 66 -12.64 -14.52 9.95
N GLU A 67 -12.43 -13.23 9.65
CA GLU A 67 -13.09 -12.59 8.51
C GLU A 67 -12.57 -13.27 7.21
N ILE A 68 -13.12 -12.90 6.06
CA ILE A 68 -12.71 -13.55 4.81
C ILE A 68 -11.30 -13.15 4.36
N ARG A 69 -10.78 -12.03 4.87
CA ARG A 69 -9.46 -11.52 4.49
C ARG A 69 -8.97 -10.53 5.53
N PRO A 70 -7.68 -10.12 5.49
CA PRO A 70 -7.16 -9.21 6.49
C PRO A 70 -7.79 -7.84 6.49
N TRP A 71 -7.81 -7.26 7.67
CA TRP A 71 -8.53 -6.03 7.92
C TRP A 71 -7.86 -5.30 9.06
N CYS A 72 -8.32 -4.07 9.33
CA CYS A 72 -7.90 -3.33 10.51
C CYS A 72 -8.96 -2.30 10.90
N TYR A 73 -8.90 -1.84 12.15
CA TYR A 73 -9.64 -0.63 12.52
C TYR A 73 -8.95 0.53 11.85
N THR A 74 -9.66 1.64 11.59
CA THR A 74 -9.05 2.74 10.85
C THR A 74 -8.88 3.99 11.71
N MET A 75 -7.95 4.84 11.30
CA MET A 75 -7.71 6.10 11.98
C MET A 75 -8.76 7.17 11.70
N ASP A 76 -9.71 6.88 10.82
CA ASP A 76 -10.83 7.77 10.56
C ASP A 76 -11.88 7.47 11.64
N PRO A 77 -12.22 8.46 12.49
CA PRO A 77 -13.24 8.21 13.54
C PRO A 77 -14.61 7.81 12.96
N SER A 78 -14.87 8.12 11.70
CA SER A 78 -16.16 7.80 11.08
CA SER A 78 -16.15 7.79 11.05
C SER A 78 -16.19 6.41 10.44
N VAL A 79 -15.06 5.72 10.37
CA VAL A 79 -14.98 4.41 9.70
C VAL A 79 -14.29 3.45 10.65
N ARG A 80 -15.07 2.60 11.32
CA ARG A 80 -14.55 1.75 12.37
C ARG A 80 -13.51 0.76 11.86
N TRP A 81 -13.85 0.01 10.80
CA TRP A 81 -12.93 -0.98 10.25
C TRP A 81 -13.19 -1.19 8.77
N GLU A 82 -12.16 -1.64 8.07
CA GLU A 82 -12.23 -1.97 6.66
C GLU A 82 -11.33 -3.13 6.36
N TYR A 83 -11.58 -3.83 5.25
CA TYR A 83 -10.57 -4.74 4.71
C TYR A 83 -9.33 -3.95 4.28
N CYS A 84 -8.17 -4.61 4.36
CA CYS A 84 -6.93 -3.97 3.97
C CYS A 84 -6.69 -4.00 2.47
N ASN A 85 -5.80 -3.11 2.02
CA ASN A 85 -5.45 -3.03 0.61
C ASN A 85 -4.37 -4.08 0.27
N LEU A 86 -4.77 -5.33 0.39
CA LEU A 86 -3.90 -6.48 0.31
C LEU A 86 -4.57 -7.49 -0.60
N THR A 87 -3.76 -8.10 -1.47
CA THR A 87 -4.27 -9.06 -2.45
C THR A 87 -3.90 -10.48 -2.05
N ARG A 88 -4.62 -11.45 -2.60
N ARG A 88 -4.63 -11.45 -2.60
CA ARG A 88 -4.40 -12.87 -2.33
CA ARG A 88 -4.34 -12.86 -2.38
C ARG A 88 -3.20 -13.38 -3.14
C ARG A 88 -3.08 -13.24 -3.13
N CYS A 89 -2.21 -14.00 -2.47
CA CYS A 89 -1.04 -14.58 -3.15
C CYS A 89 -1.51 -15.56 -4.22
N PRO A 90 -0.88 -15.53 -5.40
CA PRO A 90 -1.24 -16.53 -6.42
C PRO A 90 -1.13 -17.94 -5.84
N VAL A 91 -2.17 -18.74 -6.05
CA VAL A 91 -2.14 -20.15 -5.65
C VAL A 91 -1.27 -20.97 -6.61
N THR A 92 -1.16 -20.48 -7.85
CA THR A 92 -0.45 -21.16 -8.94
C THR A 92 0.57 -20.22 -9.61
N GLU A 93 1.38 -20.81 -10.48
CA GLU A 93 2.23 -20.09 -11.43
C GLU A 93 1.37 -19.31 -12.43
N SER B 6 0.86 -4.48 -26.47
CA SER B 6 1.55 -5.72 -26.96
C SER B 6 1.41 -6.90 -25.99
N THR B 7 1.60 -6.64 -24.69
CA THR B 7 1.68 -7.66 -23.64
C THR B 7 0.32 -8.07 -23.05
N GLY B 8 -0.71 -7.27 -23.29
CA GLY B 8 -2.03 -7.55 -22.70
C GLY B 8 -2.09 -7.31 -21.19
N VAL B 9 -1.15 -6.50 -20.69
CA VAL B 9 -1.08 -6.16 -19.28
C VAL B 9 -1.52 -4.71 -19.13
N GLN B 10 -2.74 -4.51 -18.66
CA GLN B 10 -3.25 -3.18 -18.33
C GLN B 10 -2.28 -2.51 -17.36
N ASP B 11 -2.07 -1.21 -17.58
CA ASP B 11 -1.25 -0.42 -16.70
C ASP B 11 -2.07 -0.06 -15.46
N CYS B 12 -2.08 -0.96 -14.48
CA CYS B 12 -2.70 -0.73 -13.18
C CYS B 12 -1.78 -1.29 -12.11
N TYR B 13 -1.99 -0.89 -10.86
CA TYR B 13 -1.21 -1.43 -9.75
C TYR B 13 -2.05 -2.34 -8.87
N ARG B 14 -1.41 -3.34 -8.28
CA ARG B 14 -2.09 -4.28 -7.40
C ARG B 14 -1.94 -3.85 -5.96
N GLY B 15 -3.04 -3.94 -5.22
CA GLY B 15 -2.99 -3.55 -3.81
C GLY B 15 -2.62 -2.09 -3.63
N ASP B 16 -1.63 -1.82 -2.78
CA ASP B 16 -1.14 -0.46 -2.60
C ASP B 16 -0.04 -0.07 -3.60
N GLY B 17 0.25 -0.97 -4.54
CA GLY B 17 1.21 -0.62 -5.59
C GLY B 17 2.67 -0.73 -5.24
N GLN B 18 3.02 -1.24 -4.05
CA GLN B 18 4.44 -1.47 -3.77
C GLN B 18 5.11 -2.35 -4.81
N SER B 19 4.35 -3.26 -5.40
CA SER B 19 4.94 -4.19 -6.38
CA SER B 19 4.86 -4.22 -6.37
C SER B 19 4.91 -3.70 -7.81
N TYR B 20 4.38 -2.49 -8.05
CA TYR B 20 4.25 -2.00 -9.41
C TYR B 20 5.63 -1.72 -10.02
N ARG B 21 5.86 -2.29 -11.21
CA ARG B 21 7.13 -2.13 -11.93
C ARG B 21 6.92 -1.69 -13.36
N GLY B 22 5.76 -1.08 -13.63
CA GLY B 22 5.49 -0.54 -14.97
C GLY B 22 6.19 0.79 -15.21
N THR B 23 5.83 1.41 -16.34
CA THR B 23 6.57 2.56 -16.82
C THR B 23 5.77 3.87 -16.82
N LEU B 24 4.60 3.93 -16.19
CA LEU B 24 3.89 5.21 -16.13
C LEU B 24 4.75 6.20 -15.36
N SER B 25 4.77 7.44 -15.84
CA SER B 25 5.63 8.47 -15.26
C SER B 25 4.92 9.83 -15.25
N THR B 26 3.60 9.79 -15.02
CA THR B 26 2.74 10.97 -15.02
C THR B 26 1.98 11.03 -13.70
N THR B 27 1.87 12.23 -13.14
CA THR B 27 1.12 12.41 -11.89
C THR B 27 -0.37 12.59 -12.15
N ILE B 28 -1.14 12.61 -11.06
CA ILE B 28 -2.59 12.76 -11.14
C ILE B 28 -3.02 14.11 -11.75
N THR B 29 -2.12 15.09 -11.78
CA THR B 29 -2.42 16.39 -12.41
C THR B 29 -1.71 16.55 -13.75
N GLY B 30 -1.08 15.49 -14.24
CA GLY B 30 -0.46 15.49 -15.56
C GLY B 30 1.00 15.89 -15.59
N ARG B 31 1.62 16.12 -14.44
CA ARG B 31 3.02 16.48 -14.40
C ARG B 31 3.88 15.27 -14.71
N THR B 32 5.06 15.52 -15.25
CA THR B 32 6.04 14.48 -15.51
C THR B 32 6.80 14.21 -14.23
N CYS B 33 7.02 12.93 -13.94
CA CYS B 33 7.83 12.54 -12.77
C CYS B 33 9.31 12.91 -12.94
N GLN B 34 9.94 13.36 -11.86
CA GLN B 34 11.39 13.47 -11.76
C GLN B 34 12.02 12.09 -11.65
N SER B 35 13.21 11.91 -12.22
CA SER B 35 13.96 10.67 -12.03
CA SER B 35 13.98 10.69 -12.04
C SER B 35 14.34 10.50 -10.57
N TRP B 36 14.18 9.28 -10.05
CA TRP B 36 14.53 8.99 -8.65
C TRP B 36 16.01 9.29 -8.36
N SER B 37 16.86 9.04 -9.35
CA SER B 37 18.29 9.25 -9.15
C SER B 37 18.70 10.71 -9.23
N SER B 38 17.83 11.56 -9.77
CA SER B 38 18.05 12.99 -9.79
C SER B 38 17.68 13.63 -8.47
N MET B 39 18.47 14.63 -8.08
CA MET B 39 18.22 15.42 -6.88
C MET B 39 17.71 16.81 -7.25
N THR B 40 17.25 16.98 -8.47
CA THR B 40 16.70 18.25 -8.95
C THR B 40 15.50 18.01 -9.86
N PRO B 41 14.44 18.83 -9.78
CA PRO B 41 14.32 19.98 -8.87
C PRO B 41 14.24 19.65 -7.38
N HIS B 42 13.90 18.41 -7.03
CA HIS B 42 13.67 18.07 -5.62
C HIS B 42 14.75 17.16 -5.08
N TRP B 43 15.37 17.59 -3.98
CA TRP B 43 16.32 16.76 -3.27
C TRP B 43 15.57 15.80 -2.35
N HIS B 44 15.98 14.55 -2.34
CA HIS B 44 15.25 13.53 -1.57
C HIS B 44 16.16 12.34 -1.29
N ARG B 45 15.66 11.39 -0.50
CA ARG B 45 16.39 10.17 -0.19
C ARG B 45 15.60 8.91 -0.53
N ARG B 46 14.61 9.04 -1.41
CA ARG B 46 13.94 7.85 -1.96
C ARG B 46 14.75 7.34 -3.15
N ILE B 47 15.89 6.73 -2.79
CA ILE B 47 16.87 6.24 -3.76
C ILE B 47 17.12 4.76 -3.49
N PRO B 48 17.58 4.00 -4.50
CA PRO B 48 17.83 2.56 -4.25
C PRO B 48 18.72 2.25 -3.07
N LEU B 49 19.69 3.13 -2.80
CA LEU B 49 20.57 2.93 -1.64
C LEU B 49 19.80 2.68 -0.34
N TYR B 50 18.67 3.39 -0.17
CA TYR B 50 17.85 3.31 1.04
C TYR B 50 16.58 2.47 0.86
N TYR B 51 16.22 2.16 -0.38
CA TYR B 51 15.03 1.36 -0.70
C TYR B 51 15.40 0.31 -1.76
N PRO B 52 16.25 -0.67 -1.37
CA PRO B 52 16.85 -1.55 -2.38
C PRO B 52 15.87 -2.47 -3.06
N ASN B 53 14.71 -2.74 -2.45
CA ASN B 53 13.73 -3.64 -3.03
C ASN B 53 12.73 -2.98 -3.98
N ALA B 54 12.74 -1.65 -4.01
CA ALA B 54 11.60 -0.87 -4.52
C ALA B 54 11.58 -0.65 -6.04
N GLY B 55 12.64 -1.05 -6.73
CA GLY B 55 12.71 -0.88 -8.19
C GLY B 55 12.64 0.58 -8.63
N LEU B 56 13.31 1.45 -7.88
CA LEU B 56 13.37 2.87 -8.23
C LEU B 56 14.29 3.09 -9.41
N THR B 57 13.68 3.18 -10.59
CA THR B 57 14.44 3.32 -11.83
CA THR B 57 14.43 3.30 -11.86
C THR B 57 13.80 4.39 -12.71
N ARG B 58 14.63 5.06 -13.52
CA ARG B 58 14.19 6.13 -14.40
C ARG B 58 13.33 7.10 -13.59
N ASN B 59 12.18 7.50 -14.14
CA ASN B 59 11.23 8.37 -13.44
C ASN B 59 9.89 7.64 -13.33
N TYR B 60 9.93 6.34 -13.12
CA TYR B 60 8.69 5.58 -13.13
C TYR B 60 7.97 5.63 -11.79
N CYS B 61 6.64 5.73 -11.85
CA CYS B 61 5.84 5.74 -10.62
C CYS B 61 6.12 4.51 -9.78
N ARG B 62 6.30 4.71 -8.48
CA ARG B 62 6.64 3.63 -7.56
C ARG B 62 6.08 3.91 -6.17
N ASN B 63 6.11 2.91 -5.31
CA ASN B 63 5.70 3.12 -3.95
C ASN B 63 6.74 2.51 -3.01
N PRO B 64 7.89 3.21 -2.83
CA PRO B 64 8.99 2.60 -2.07
C PRO B 64 8.79 2.61 -0.57
N ASP B 65 7.94 3.52 -0.10
CA ASP B 65 7.89 3.87 1.31
C ASP B 65 6.51 3.64 1.94
N ALA B 66 5.77 2.71 1.36
CA ALA B 66 4.47 2.26 1.90
C ALA B 66 3.49 3.44 2.02
N GLU B 67 3.48 4.27 0.99
CA GLU B 67 2.43 5.22 0.79
C GLU B 67 1.13 4.52 0.42
N ILE B 68 0.10 5.33 0.20
CA ILE B 68 -1.22 4.81 -0.12
C ILE B 68 -1.26 4.10 -1.49
N ARG B 69 -0.48 4.63 -2.43
CA ARG B 69 -0.50 4.22 -3.83
CA ARG B 69 -0.51 4.23 -3.83
C ARG B 69 0.77 4.76 -4.50
N PRO B 70 1.07 4.33 -5.75
CA PRO B 70 2.30 4.84 -6.38
C PRO B 70 2.32 6.34 -6.60
N TRP B 71 3.53 6.88 -6.54
CA TRP B 71 3.77 8.33 -6.56
C TRP B 71 5.14 8.61 -7.17
N CYS B 72 5.45 9.88 -7.34
CA CYS B 72 6.78 10.31 -7.76
C CYS B 72 6.97 11.75 -7.37
N TYR B 73 8.24 12.15 -7.28
CA TYR B 73 8.58 13.57 -7.26
C TYR B 73 8.29 14.15 -8.63
N THR B 74 7.98 15.44 -8.70
CA THR B 74 7.56 16.02 -9.99
C THR B 74 8.60 16.95 -10.59
N MET B 75 8.53 17.08 -11.91
CA MET B 75 9.43 17.99 -12.61
C MET B 75 9.09 19.45 -12.47
N ASP B 76 7.98 19.79 -11.82
CA ASP B 76 7.66 21.17 -11.51
C ASP B 76 8.31 21.53 -10.18
N PRO B 77 9.25 22.50 -10.16
CA PRO B 77 9.84 22.90 -8.88
C PRO B 77 8.81 23.31 -7.82
N SER B 78 7.62 23.76 -8.24
CA SER B 78 6.58 24.19 -7.31
CA SER B 78 6.62 24.20 -7.28
C SER B 78 5.81 23.06 -6.64
N VAL B 79 5.94 21.82 -7.15
CA VAL B 79 5.22 20.68 -6.58
C VAL B 79 6.18 19.54 -6.33
N ARG B 80 6.50 19.32 -5.06
CA ARG B 80 7.53 18.34 -4.70
C ARG B 80 7.16 16.93 -5.14
N TRP B 81 5.97 16.46 -4.76
CA TRP B 81 5.55 15.10 -5.09
C TRP B 81 4.03 14.99 -5.21
N GLU B 82 3.59 14.01 -5.98
CA GLU B 82 2.18 13.71 -6.17
C GLU B 82 1.98 12.22 -6.34
N TYR B 83 0.78 11.73 -6.05
CA TYR B 83 0.39 10.41 -6.50
C TYR B 83 0.31 10.40 -8.02
N CYS B 84 0.55 9.23 -8.58
CA CYS B 84 0.53 9.04 -10.03
C CYS B 84 -0.85 8.80 -10.59
N ASN B 85 -0.97 9.00 -11.90
CA ASN B 85 -2.23 8.81 -12.56
C ASN B 85 -2.46 7.37 -13.03
N LEU B 86 -2.39 6.49 -12.05
CA LEU B 86 -2.57 5.06 -12.25
CA LEU B 86 -2.52 5.07 -12.24
C LEU B 86 -3.79 4.64 -11.49
N THR B 87 -4.50 3.67 -12.05
CA THR B 87 -5.63 3.05 -11.36
C THR B 87 -5.19 1.75 -10.71
N ARG B 88 -5.86 1.38 -9.64
CA ARG B 88 -5.66 0.10 -9.00
C ARG B 88 -6.32 -1.00 -9.81
N CYS B 89 -5.58 -2.10 -10.01
CA CYS B 89 -6.15 -3.31 -10.64
C CYS B 89 -7.33 -3.84 -9.83
N PRO B 90 -8.35 -4.45 -10.49
CA PRO B 90 -9.52 -4.90 -9.74
C PRO B 90 -9.15 -5.90 -8.64
N VAL B 91 -9.68 -5.66 -7.46
CA VAL B 91 -9.47 -6.57 -6.34
C VAL B 91 -10.51 -7.68 -6.42
N THR B 92 -11.68 -7.35 -6.97
CA THR B 92 -12.78 -8.30 -7.12
C THR B 92 -13.39 -8.16 -8.49
N GLU B 93 -14.25 -9.11 -8.85
N GLU B 93 -14.22 -9.14 -8.83
CA GLU B 93 -15.11 -9.00 -10.02
CA GLU B 93 -15.19 -9.06 -9.92
C GLU B 93 -15.96 -7.72 -10.01
C GLU B 93 -16.02 -7.78 -9.84
N SER B 94 -16.62 -7.43 -11.12
N SER B 94 -16.34 -7.22 -11.00
CA SER B 94 -17.36 -6.18 -11.25
CA SER B 94 -17.19 -6.03 -11.10
C SER B 94 -18.40 -6.24 -12.35
C SER B 94 -18.02 -6.11 -12.37
#